data_3MOI
#
_entry.id   3MOI
#
_cell.length_a   122.634
_cell.length_b   122.634
_cell.length_c   79.419
_cell.angle_alpha   90.00
_cell.angle_beta   90.00
_cell.angle_gamma   120.00
#
_symmetry.space_group_name_H-M   'P 31 2 1'
#
loop_
_entity.id
_entity.type
_entity.pdbx_description
1 polymer 'Probable dehydrogenase'
2 water water
#
_entity_poly.entity_id   1
_entity_poly.type   'polypeptide(L)'
_entity_poly.pdbx_seq_one_letter_code
;MKIRFGICGLGFAGSVLMAPAMRHHPDAQIVAACDPNEDVRERFGKEYGIPVFATLAEMMQHVQMDAVYIASPHQFHCEH
VVQASEQGLHIIVEKPLTLSRDEADRMIEAVERAGVHLVVGTSRSHDPVVRTLRAIVQEGSVGRVSMLNCFNYTDFLYRP
RRPEELDTSKGGGIIYNQLPHQIDSIKTITGQRITAVRAMTGRLDPKRPTEGNCAAMLTLEDGACAVMVYSGYDHFDSDE
MHFWLAEGGRAKQPNHGGARKVLRQLEGDEAELRRSRYGFGGPISKSMESGNTDRKQPHFGVMLVTCEHADLRASPEGVL
VYGDEGVREVPAITGRGPFSQGDTIDELRDAIAGVAPALRDARWGKDTLEVCLAVLESSATGRQVER
;
_entity_poly.pdbx_strand_id   A
#
# COMPACT_ATOMS: atom_id res chain seq x y z
N MET A 1 -2.29 8.90 -22.52
CA MET A 1 -2.10 7.85 -23.60
C MET A 1 -1.10 6.78 -23.09
N LYS A 2 0.02 6.48 -23.77
CA LYS A 2 0.95 5.46 -23.21
C LYS A 2 2.11 6.06 -22.40
N ILE A 3 2.19 5.69 -21.14
CA ILE A 3 3.21 6.19 -20.23
C ILE A 3 4.45 5.30 -20.26
N ARG A 4 5.58 5.89 -20.56
CA ARG A 4 6.80 5.16 -20.56
C ARG A 4 7.43 5.26 -19.15
N PHE A 5 7.57 4.11 -18.51
CA PHE A 5 7.95 4.01 -17.12
C PHE A 5 9.32 3.47 -16.96
N GLY A 6 10.08 4.03 -16.02
CA GLY A 6 11.27 3.35 -15.51
C GLY A 6 10.99 2.79 -14.11
N ILE A 7 11.43 1.58 -13.80
CA ILE A 7 11.31 1.06 -12.46
C ILE A 7 12.57 1.25 -11.68
N CYS A 8 12.47 1.83 -10.49
CA CYS A 8 13.69 2.18 -9.71
C CYS A 8 13.64 1.49 -8.38
N GLY A 9 14.39 0.39 -8.27
CA GLY A 9 14.39 -0.46 -7.10
C GLY A 9 13.66 -1.73 -7.45
N LEU A 10 14.37 -2.86 -7.47
CA LEU A 10 13.81 -4.09 -8.01
C LEU A 10 13.70 -5.17 -6.95
N GLY A 11 13.22 -4.81 -5.78
CA GLY A 11 12.99 -5.80 -4.77
C GLY A 11 11.62 -6.35 -5.08
N PHE A 12 10.92 -6.81 -4.06
CA PHE A 12 9.65 -7.46 -4.22
C PHE A 12 8.57 -6.55 -4.85
N ALA A 13 8.23 -5.45 -4.20
CA ALA A 13 7.26 -4.52 -4.80
C ALA A 13 7.58 -4.17 -6.29
N GLY A 14 8.82 -3.83 -6.55
CA GLY A 14 9.19 -3.51 -7.91
C GLY A 14 9.07 -4.65 -8.93
N SER A 15 9.88 -5.70 -8.74
CA SER A 15 10.06 -6.70 -9.76
C SER A 15 8.89 -7.65 -9.83
N VAL A 16 8.36 -8.09 -8.67
CA VAL A 16 7.36 -9.16 -8.73
C VAL A 16 5.91 -8.68 -8.68
N LEU A 17 5.60 -7.62 -7.92
CA LEU A 17 4.23 -7.06 -7.92
C LEU A 17 3.95 -6.12 -9.07
N MET A 18 4.74 -5.07 -9.19
CA MET A 18 4.32 -4.01 -10.08
C MET A 18 4.68 -4.31 -11.50
N ALA A 19 5.88 -4.82 -11.71
CA ALA A 19 6.39 -5.04 -13.10
C ALA A 19 5.46 -5.85 -14.03
N PRO A 20 5.02 -7.05 -13.62
CA PRO A 20 4.12 -7.81 -14.52
C PRO A 20 2.83 -7.06 -14.79
N ALA A 21 2.28 -6.46 -13.75
CA ALA A 21 1.07 -5.62 -13.89
C ALA A 21 1.26 -4.49 -14.87
N MET A 22 2.45 -3.91 -14.90
CA MET A 22 2.77 -2.86 -15.91
C MET A 22 2.80 -3.44 -17.32
N ARG A 23 3.42 -4.61 -17.52
CA ARG A 23 3.49 -5.21 -18.87
C ARG A 23 2.06 -5.30 -19.34
N HIS A 24 1.28 -6.04 -18.55
CA HIS A 24 -0.12 -6.24 -18.82
C HIS A 24 -0.93 -4.98 -18.91
N HIS A 25 -0.50 -3.87 -18.32
CA HIS A 25 -1.31 -2.67 -18.44
C HIS A 25 -1.05 -2.03 -19.82
N PRO A 26 -2.18 -1.70 -20.47
CA PRO A 26 -2.22 -1.20 -21.82
C PRO A 26 -1.86 0.24 -21.92
N ASP A 27 -1.90 0.98 -20.83
CA ASP A 27 -1.47 2.37 -20.94
C ASP A 27 -0.04 2.57 -20.41
N ALA A 28 0.70 1.46 -20.29
CA ALA A 28 1.99 1.48 -19.66
C ALA A 28 2.94 0.47 -20.28
N GLN A 29 4.16 0.96 -20.46
CA GLN A 29 5.29 0.26 -21.01
C GLN A 29 6.47 0.45 -20.05
N ILE A 30 7.05 -0.64 -19.57
CA ILE A 30 8.36 -0.61 -18.94
C ILE A 30 9.44 -0.40 -20.02
N VAL A 31 10.31 0.57 -19.77
CA VAL A 31 11.22 1.04 -20.74
C VAL A 31 12.67 0.98 -20.19
N ALA A 32 12.84 0.71 -18.90
CA ALA A 32 14.14 0.73 -18.29
C ALA A 32 14.00 0.39 -16.80
N ALA A 33 15.07 -0.05 -16.15
CA ALA A 33 15.03 -0.31 -14.70
C ALA A 33 16.36 -0.02 -14.04
N CYS A 34 16.36 0.35 -12.78
CA CYS A 34 17.60 0.39 -12.03
C CYS A 34 17.47 -0.24 -10.66
N ASP A 35 18.63 -0.62 -10.14
CA ASP A 35 18.79 -1.28 -8.83
C ASP A 35 20.28 -1.36 -8.59
N PRO A 36 20.70 -1.25 -7.33
CA PRO A 36 22.11 -1.36 -6.95
C PRO A 36 22.70 -2.75 -7.17
N ASN A 37 21.85 -3.77 -7.17
CA ASN A 37 22.33 -5.12 -7.30
C ASN A 37 22.52 -5.55 -8.75
N GLU A 38 23.77 -5.63 -9.16
CA GLU A 38 24.12 -6.00 -10.53
C GLU A 38 23.43 -7.32 -10.91
N ASP A 39 23.49 -8.27 -10.03
CA ASP A 39 22.88 -9.54 -10.29
C ASP A 39 21.40 -9.46 -10.71
N VAL A 40 20.56 -8.95 -9.83
CA VAL A 40 19.10 -8.84 -10.08
C VAL A 40 18.71 -7.98 -11.29
N ARG A 41 19.39 -6.86 -11.40
CA ARG A 41 19.22 -5.90 -12.47
C ARG A 41 19.33 -6.59 -13.83
N GLU A 42 20.36 -7.41 -13.98
CA GLU A 42 20.76 -8.00 -15.28
C GLU A 42 19.72 -9.04 -15.68
N ARG A 43 19.39 -9.89 -14.71
CA ARG A 43 18.35 -10.91 -14.87
C ARG A 43 17.07 -10.20 -15.31
N PHE A 44 16.71 -9.13 -14.61
CA PHE A 44 15.53 -8.35 -14.97
C PHE A 44 15.60 -7.69 -16.36
N GLY A 45 16.74 -7.13 -16.70
CA GLY A 45 16.94 -6.63 -18.04
C GLY A 45 16.72 -7.68 -19.15
N LYS A 46 17.22 -8.91 -18.95
CA LYS A 46 17.03 -10.01 -19.92
C LYS A 46 15.54 -10.33 -20.06
N GLU A 47 14.87 -10.61 -18.96
CA GLU A 47 13.46 -11.05 -19.01
C GLU A 47 12.48 -10.01 -19.61
N TYR A 48 12.65 -8.73 -19.29
CA TYR A 48 11.77 -7.68 -19.81
C TYR A 48 12.31 -6.98 -21.08
N GLY A 49 13.50 -7.35 -21.51
CA GLY A 49 14.04 -6.83 -22.76
C GLY A 49 14.31 -5.36 -22.68
N ILE A 50 14.85 -4.90 -21.53
CA ILE A 50 15.16 -3.49 -21.40
C ILE A 50 16.57 -3.19 -20.92
N PRO A 51 17.04 -1.96 -21.18
CA PRO A 51 18.33 -1.56 -20.62
C PRO A 51 18.18 -1.38 -19.11
N VAL A 52 19.18 -1.73 -18.31
CA VAL A 52 19.14 -1.51 -16.87
C VAL A 52 20.37 -0.75 -16.37
N PHE A 53 20.33 -0.27 -15.12
CA PHE A 53 21.28 0.71 -14.59
C PHE A 53 21.48 0.58 -13.08
N ALA A 54 22.61 1.05 -12.59
CA ALA A 54 22.91 0.89 -11.18
C ALA A 54 22.31 2.07 -10.41
N THR A 55 22.11 3.23 -11.01
CA THR A 55 21.52 4.41 -10.32
C THR A 55 20.40 5.08 -11.11
N LEU A 56 19.40 5.58 -10.41
CA LEU A 56 18.41 6.47 -11.02
C LEU A 56 19.03 7.51 -11.97
N ALA A 57 20.10 8.19 -11.55
CA ALA A 57 20.66 9.28 -12.37
C ALA A 57 21.00 8.85 -13.77
N GLU A 58 21.59 7.67 -13.83
CA GLU A 58 22.05 7.12 -15.07
C GLU A 58 20.83 6.78 -15.91
N MET A 59 19.80 6.17 -15.32
CA MET A 59 18.63 5.78 -16.11
C MET A 59 18.04 7.04 -16.74
N MET A 60 17.93 8.10 -15.96
CA MET A 60 17.35 9.31 -16.48
C MET A 60 18.16 9.93 -17.57
N GLN A 61 19.46 9.76 -17.56
CA GLN A 61 20.31 10.31 -18.62
C GLN A 61 20.19 9.51 -19.92
N HIS A 62 19.85 8.21 -19.83
CA HIS A 62 19.95 7.33 -21.00
C HIS A 62 18.66 6.81 -21.66
N VAL A 63 17.50 6.98 -21.03
CA VAL A 63 16.25 6.51 -21.62
C VAL A 63 15.15 7.56 -21.56
N GLN A 64 14.57 7.87 -22.73
CA GLN A 64 13.39 8.73 -22.88
C GLN A 64 12.35 8.01 -22.01
N MET A 65 11.81 8.71 -21.00
CA MET A 65 10.74 8.14 -20.16
C MET A 65 9.77 9.24 -19.63
N ASP A 66 8.53 8.87 -19.29
CA ASP A 66 7.56 9.88 -18.83
C ASP A 66 7.39 9.89 -17.33
N ALA A 67 7.60 8.73 -16.71
CA ALA A 67 7.39 8.58 -15.28
C ALA A 67 8.41 7.57 -14.67
N VAL A 68 8.52 7.59 -13.32
CA VAL A 68 9.30 6.64 -12.61
C VAL A 68 8.43 5.96 -11.54
N TYR A 69 8.56 4.65 -11.42
CA TYR A 69 7.96 3.95 -10.32
C TYR A 69 9.10 3.66 -9.36
N ILE A 70 9.01 4.24 -8.17
CA ILE A 70 10.13 4.25 -7.22
C ILE A 70 9.81 3.25 -6.14
N ALA A 71 10.50 2.10 -6.15
CA ALA A 71 10.27 1.03 -5.21
C ALA A 71 11.55 0.70 -4.47
N SER A 72 12.39 1.71 -4.28
CA SER A 72 13.62 1.53 -3.52
C SER A 72 13.31 1.44 -2.04
N PRO A 73 14.24 0.95 -1.23
CA PRO A 73 14.00 1.02 0.25
C PRO A 73 13.66 2.44 0.72
N HIS A 74 12.73 2.58 1.66
CA HIS A 74 12.20 3.89 2.00
C HIS A 74 13.20 4.98 2.32
N GLN A 75 14.32 4.61 2.89
CA GLN A 75 15.43 5.54 3.22
C GLN A 75 15.96 6.30 2.00
N PHE A 76 15.71 5.73 0.83
CA PHE A 76 16.11 6.35 -0.43
C PHE A 76 15.00 7.12 -1.12
N HIS A 77 13.77 7.09 -0.59
CA HIS A 77 12.66 7.72 -1.32
C HIS A 77 12.81 9.21 -1.50
N CYS A 78 13.19 9.92 -0.48
CA CYS A 78 13.33 11.35 -0.60
C CYS A 78 14.22 11.78 -1.76
N GLU A 79 15.45 11.27 -1.77
CA GLU A 79 16.35 11.72 -2.83
C GLU A 79 15.91 11.18 -4.19
N HIS A 80 15.30 10.00 -4.22
CA HIS A 80 14.84 9.46 -5.50
C HIS A 80 13.72 10.36 -6.05
N VAL A 81 12.86 10.84 -5.16
CA VAL A 81 11.77 11.69 -5.59
C VAL A 81 12.25 13.05 -6.03
N VAL A 82 13.16 13.64 -5.27
CA VAL A 82 13.74 14.89 -5.70
C VAL A 82 14.44 14.75 -7.03
N GLN A 83 15.18 13.69 -7.20
CA GLN A 83 15.93 13.55 -8.41
C GLN A 83 14.99 13.42 -9.61
N ALA A 84 13.96 12.58 -9.50
CA ALA A 84 13.04 12.44 -10.64
C ALA A 84 12.33 13.76 -10.95
N SER A 85 11.91 14.46 -9.90
CA SER A 85 11.23 15.75 -10.08
C SER A 85 12.07 16.72 -10.83
N GLU A 86 13.37 16.74 -10.52
CA GLU A 86 14.28 17.70 -11.14
C GLU A 86 14.46 17.38 -12.65
N GLN A 87 14.20 16.14 -13.05
CA GLN A 87 14.14 15.83 -14.47
C GLN A 87 12.77 16.07 -15.15
N GLY A 88 11.77 16.57 -14.44
CA GLY A 88 10.38 16.65 -15.00
C GLY A 88 9.70 15.28 -15.28
N LEU A 89 9.98 14.27 -14.45
CA LEU A 89 9.35 13.01 -14.56
C LEU A 89 8.26 12.87 -13.49
N HIS A 90 7.12 12.32 -13.89
CA HIS A 90 6.02 12.03 -12.96
C HIS A 90 6.41 10.77 -12.19
N ILE A 91 5.79 10.56 -11.04
CA ILE A 91 6.25 9.56 -10.13
C ILE A 91 5.12 8.73 -9.48
N ILE A 92 5.35 7.43 -9.32
CA ILE A 92 4.62 6.65 -8.38
C ILE A 92 5.64 6.22 -7.37
N VAL A 93 5.38 6.39 -6.06
CA VAL A 93 6.31 5.97 -5.00
C VAL A 93 5.70 5.02 -4.01
N GLU A 94 6.43 3.94 -3.67
CA GLU A 94 5.86 3.00 -2.66
C GLU A 94 5.81 3.54 -1.23
N LYS A 95 4.87 3.02 -0.43
CA LYS A 95 4.83 3.27 0.99
C LYS A 95 5.88 2.35 1.61
N PRO A 96 6.53 2.78 2.68
CA PRO A 96 6.33 4.07 3.32
C PRO A 96 6.82 5.20 2.43
N LEU A 97 6.08 6.30 2.38
CA LEU A 97 6.59 7.51 1.71
C LEU A 97 7.99 7.85 2.26
N THR A 98 8.05 8.15 3.57
CA THR A 98 9.24 8.47 4.30
C THR A 98 8.84 8.27 5.74
N LEU A 99 9.84 8.24 6.62
CA LEU A 99 9.65 8.23 8.06
C LEU A 99 9.76 9.64 8.63
N SER A 100 10.17 10.59 7.82
CA SER A 100 10.56 11.90 8.33
C SER A 100 9.69 13.10 7.78
N ARG A 101 9.06 13.87 8.65
CA ARG A 101 8.33 15.01 8.18
C ARG A 101 9.12 15.99 7.32
N ASP A 102 10.36 16.26 7.70
CA ASP A 102 11.21 17.14 6.92
C ASP A 102 11.42 16.58 5.52
N GLU A 103 11.72 15.30 5.46
CA GLU A 103 11.80 14.66 4.15
C GLU A 103 10.51 14.89 3.34
N ALA A 104 9.41 14.57 3.98
CA ALA A 104 8.14 14.73 3.31
C ALA A 104 7.98 16.17 2.80
N ASP A 105 8.50 17.16 3.50
CA ASP A 105 8.42 18.53 3.03
C ASP A 105 9.32 18.72 1.87
N ARG A 106 10.51 18.14 1.89
CA ARG A 106 11.40 18.32 0.75
C ARG A 106 10.81 17.70 -0.50
N MET A 107 10.06 16.63 -0.32
CA MET A 107 9.45 15.90 -1.45
C MET A 107 8.31 16.74 -2.09
N ILE A 108 7.47 17.32 -1.22
CA ILE A 108 6.38 18.17 -1.64
C ILE A 108 6.94 19.35 -2.42
N GLU A 109 7.97 19.98 -1.88
CA GLU A 109 8.46 21.20 -2.45
C GLU A 109 9.07 20.93 -3.84
N ALA A 110 9.78 19.83 -3.94
CA ALA A 110 10.37 19.44 -5.22
C ALA A 110 9.29 19.10 -6.27
N VAL A 111 8.30 18.34 -5.89
CA VAL A 111 7.25 17.93 -6.82
C VAL A 111 6.49 19.15 -7.28
N GLU A 112 6.14 20.03 -6.36
CA GLU A 112 5.33 21.21 -6.68
C GLU A 112 6.07 22.19 -7.55
N ARG A 113 7.31 22.51 -7.21
CA ARG A 113 8.14 23.36 -8.03
C ARG A 113 8.45 22.75 -9.39
N ALA A 114 8.59 21.46 -9.47
CA ALA A 114 8.76 20.91 -10.81
C ALA A 114 7.44 20.86 -11.64
N GLY A 115 6.27 20.88 -11.02
CA GLY A 115 5.06 20.78 -11.81
C GLY A 115 4.72 19.36 -12.18
N VAL A 116 5.35 18.35 -11.54
CA VAL A 116 5.07 16.98 -11.92
C VAL A 116 3.95 16.36 -11.08
N HIS A 117 3.39 15.24 -11.53
CA HIS A 117 2.41 14.51 -10.76
C HIS A 117 3.03 13.36 -10.02
N LEU A 118 2.58 13.17 -8.79
CA LEU A 118 3.05 12.11 -7.93
C LEU A 118 1.90 11.37 -7.37
N VAL A 119 1.95 10.05 -7.34
CA VAL A 119 1.00 9.25 -6.61
C VAL A 119 1.76 8.31 -5.67
N VAL A 120 1.23 8.03 -4.49
CA VAL A 120 1.78 6.94 -3.66
C VAL A 120 0.82 5.77 -3.51
N GLY A 121 1.13 4.47 -3.66
CA GLY A 121 2.35 3.85 -4.22
C GLY A 121 2.06 2.37 -4.49
N THR A 122 0.77 2.09 -4.62
CA THR A 122 0.01 0.82 -4.45
C THR A 122 -0.41 0.62 -3.01
N SER A 123 -1.34 1.46 -2.56
CA SER A 123 -1.98 1.11 -1.36
C SER A 123 -3.16 0.19 -1.63
N ARG A 124 -3.61 -0.42 -0.55
CA ARG A 124 -4.81 -1.22 -0.60
C ARG A 124 -5.96 -0.28 -0.82
N SER A 125 -5.76 1.04 -0.66
CA SER A 125 -6.83 1.97 -1.06
C SER A 125 -7.00 2.10 -2.58
N HIS A 126 -6.02 1.66 -3.34
CA HIS A 126 -6.26 1.51 -4.78
C HIS A 126 -7.12 0.25 -5.11
N ASP A 127 -7.25 -0.69 -4.17
CA ASP A 127 -8.12 -1.83 -4.36
C ASP A 127 -9.45 -1.34 -4.88
N PRO A 128 -9.96 -1.95 -5.96
CA PRO A 128 -11.27 -1.48 -6.45
C PRO A 128 -12.39 -1.64 -5.46
N VAL A 129 -12.32 -2.60 -4.55
CA VAL A 129 -13.40 -2.66 -3.56
C VAL A 129 -13.48 -1.38 -2.74
N VAL A 130 -12.32 -0.78 -2.43
CA VAL A 130 -12.27 0.47 -1.69
C VAL A 130 -12.75 1.63 -2.54
N ARG A 131 -12.36 1.63 -3.78
CA ARG A 131 -12.90 2.66 -4.69
C ARG A 131 -14.38 2.49 -4.83
N THR A 132 -14.84 1.25 -4.86
CA THR A 132 -16.27 1.00 -4.95
C THR A 132 -16.99 1.48 -3.74
N LEU A 133 -16.43 1.26 -2.55
CA LEU A 133 -17.05 1.75 -1.31
C LEU A 133 -17.14 3.26 -1.38
N ARG A 134 -16.09 3.94 -1.86
CA ARG A 134 -16.14 5.40 -2.01
C ARG A 134 -17.29 5.78 -2.95
N ALA A 135 -17.30 5.20 -4.13
CA ALA A 135 -18.38 5.59 -5.10
C ALA A 135 -19.78 5.49 -4.42
N ILE A 136 -20.01 4.42 -3.67
CA ILE A 136 -21.32 4.22 -3.03
C ILE A 136 -21.65 5.33 -2.04
N VAL A 137 -20.69 5.70 -1.22
CA VAL A 137 -20.83 6.80 -0.31
C VAL A 137 -21.12 8.13 -1.00
N GLN A 138 -20.29 8.58 -1.97
CA GLN A 138 -20.53 9.86 -2.69
C GLN A 138 -21.90 9.85 -3.40
N GLU A 139 -22.21 8.72 -4.01
CA GLU A 139 -23.50 8.54 -4.70
C GLU A 139 -24.71 9.00 -3.83
N GLY A 140 -24.67 8.80 -2.51
CA GLY A 140 -25.63 9.48 -1.65
C GLY A 140 -26.81 8.67 -1.13
N SER A 141 -27.11 7.53 -1.75
CA SER A 141 -28.41 6.88 -1.48
C SER A 141 -28.36 6.22 -0.15
N VAL A 142 -27.19 5.68 0.10
CA VAL A 142 -26.87 4.97 1.32
C VAL A 142 -26.88 5.87 2.53
N GLY A 143 -26.85 7.19 2.31
CA GLY A 143 -26.87 8.23 3.39
C GLY A 143 -25.47 8.51 3.94
N ARG A 144 -25.36 9.34 5.00
CA ARG A 144 -24.07 9.64 5.65
C ARG A 144 -23.37 8.49 6.39
N VAL A 145 -22.04 8.46 6.30
CA VAL A 145 -21.27 7.57 7.10
C VAL A 145 -21.35 8.03 8.54
N SER A 146 -21.67 7.09 9.44
CA SER A 146 -21.64 7.34 10.88
C SER A 146 -20.34 6.82 11.50
N MET A 147 -19.89 5.67 11.04
CA MET A 147 -18.76 5.03 11.65
C MET A 147 -18.22 3.98 10.72
N LEU A 148 -16.93 3.69 10.76
CA LEU A 148 -16.35 2.57 10.04
C LEU A 148 -15.73 1.60 11.00
N ASN A 149 -15.67 0.33 10.62
CA ASN A 149 -14.95 -0.66 11.43
C ASN A 149 -14.02 -1.49 10.56
N CYS A 150 -12.72 -1.39 10.73
CA CYS A 150 -11.79 -2.15 9.92
C CYS A 150 -10.97 -3.01 10.82
N PHE A 151 -10.77 -4.28 10.48
CA PHE A 151 -9.78 -5.08 11.20
C PHE A 151 -9.10 -6.04 10.26
N ASN A 152 -7.89 -6.48 10.62
CA ASN A 152 -7.12 -7.41 9.82
C ASN A 152 -6.28 -8.13 10.82
N TYR A 153 -6.43 -9.42 10.95
CA TYR A 153 -5.52 -10.28 11.72
C TYR A 153 -4.77 -11.13 10.68
N THR A 154 -3.46 -11.26 10.87
CA THR A 154 -2.51 -11.51 9.76
C THR A 154 -1.31 -12.26 10.28
N ASP A 155 -0.39 -12.68 9.39
CA ASP A 155 0.84 -13.33 9.82
C ASP A 155 2.11 -12.53 9.51
N PHE A 156 1.92 -11.23 9.39
CA PHE A 156 2.90 -10.30 8.89
C PHE A 156 4.19 -10.39 9.69
N LEU A 157 4.09 -10.37 10.99
CA LEU A 157 5.32 -10.30 11.74
C LEU A 157 6.17 -11.56 11.51
N TYR A 158 5.57 -12.69 11.12
CA TYR A 158 6.33 -13.91 10.97
C TYR A 158 6.63 -14.29 9.51
N ARG A 159 6.46 -13.37 8.57
CA ARG A 159 6.98 -13.56 7.24
C ARG A 159 8.48 -13.31 7.31
N PRO A 160 9.23 -13.80 6.35
CA PRO A 160 10.69 -13.66 6.40
C PRO A 160 11.19 -12.23 6.26
N ARG A 161 12.02 -11.77 7.20
CA ARG A 161 12.43 -10.38 7.30
C ARG A 161 13.92 -10.19 7.49
N ARG A 162 14.40 -9.07 7.00
CA ARG A 162 15.74 -8.63 7.29
C ARG A 162 15.70 -8.01 8.69
N PRO A 163 16.82 -8.04 9.41
CA PRO A 163 16.78 -7.61 10.80
C PRO A 163 16.47 -6.12 11.01
N GLU A 164 16.83 -5.26 10.08
CA GLU A 164 16.31 -3.89 10.17
C GLU A 164 14.76 -3.76 10.09
N GLU A 165 14.08 -4.72 9.48
CA GLU A 165 12.61 -4.67 9.45
C GLU A 165 11.95 -5.01 10.79
N LEU A 166 12.73 -5.51 11.76
CA LEU A 166 12.27 -5.74 13.16
C LEU A 166 12.79 -4.67 14.15
N ASP A 167 13.02 -3.46 13.60
CA ASP A 167 13.40 -2.29 14.36
C ASP A 167 12.53 -1.10 13.92
N THR A 168 11.57 -0.78 14.75
CA THR A 168 10.70 0.35 14.48
C THR A 168 11.51 1.61 14.14
N SER A 169 12.66 1.82 14.78
CA SER A 169 13.50 2.98 14.51
C SER A 169 13.98 3.00 13.05
N LYS A 170 14.01 1.85 12.39
CA LYS A 170 14.50 1.78 11.01
C LYS A 170 13.37 1.62 10.07
N GLY A 171 12.16 1.77 10.56
CA GLY A 171 10.99 1.65 9.68
C GLY A 171 10.23 0.34 9.70
N GLY A 172 10.59 -0.53 10.62
CA GLY A 172 9.93 -1.83 10.66
C GLY A 172 8.60 -1.79 11.38
N GLY A 173 7.88 -2.88 11.24
CA GLY A 173 6.68 -3.14 11.99
C GLY A 173 5.45 -2.56 11.38
N ILE A 174 4.36 -2.87 12.05
CA ILE A 174 3.10 -2.68 11.45
C ILE A 174 2.68 -1.21 11.36
N ILE A 175 3.29 -0.30 12.13
CA ILE A 175 2.85 1.05 12.10
C ILE A 175 3.12 1.71 10.75
N TYR A 176 4.25 1.37 10.18
CA TYR A 176 4.62 1.97 8.91
C TYR A 176 4.36 1.09 7.68
N ASN A 177 4.15 -0.20 7.90
CA ASN A 177 4.12 -1.18 6.78
C ASN A 177 2.73 -1.80 6.58
N GLN A 178 1.81 -1.55 7.52
CA GLN A 178 0.47 -2.14 7.43
C GLN A 178 -0.67 -1.11 7.72
N LEU A 179 -0.57 -0.44 8.84
CA LEU A 179 -1.58 0.52 9.21
C LEU A 179 -1.86 1.55 8.07
N PRO A 180 -0.82 1.96 7.31
CA PRO A 180 -1.17 2.91 6.26
C PRO A 180 -2.24 2.40 5.29
N HIS A 181 -2.31 1.09 5.08
CA HIS A 181 -3.37 0.55 4.22
C HIS A 181 -4.77 0.82 4.79
N GLN A 182 -4.91 0.74 6.09
CA GLN A 182 -6.20 1.01 6.67
C GLN A 182 -6.43 2.51 6.70
N ILE A 183 -5.40 3.27 7.06
CA ILE A 183 -5.59 4.66 7.20
C ILE A 183 -5.97 5.20 5.84
N ASP A 184 -5.26 4.80 4.79
CA ASP A 184 -5.55 5.36 3.47
C ASP A 184 -6.93 4.97 3.00
N SER A 185 -7.37 3.77 3.39
CA SER A 185 -8.68 3.31 2.96
C SER A 185 -9.76 4.13 3.65
N ILE A 186 -9.51 4.42 4.93
CA ILE A 186 -10.48 5.20 5.70
C ILE A 186 -10.58 6.58 5.08
N LYS A 187 -9.48 7.24 4.81
CA LYS A 187 -9.54 8.49 4.11
C LYS A 187 -10.23 8.42 2.73
N THR A 188 -9.96 7.37 1.98
CA THR A 188 -10.51 7.25 0.66
C THR A 188 -12.04 7.05 0.70
N ILE A 189 -12.52 6.09 1.51
CA ILE A 189 -13.93 5.84 1.67
C ILE A 189 -14.61 7.11 2.15
N THR A 190 -14.06 7.83 3.12
CA THR A 190 -14.87 8.87 3.66
C THR A 190 -14.65 10.19 3.01
N GLY A 191 -13.54 10.40 2.35
CA GLY A 191 -13.16 11.78 1.99
C GLY A 191 -12.98 12.76 3.13
N GLN A 192 -12.83 12.31 4.38
CA GLN A 192 -12.62 13.23 5.50
C GLN A 192 -11.20 13.25 6.09
N ARG A 193 -10.78 14.40 6.59
CA ARG A 193 -9.59 14.52 7.35
C ARG A 193 -9.75 13.78 8.69
N ILE A 194 -8.69 13.10 9.08
CA ILE A 194 -8.60 12.51 10.38
C ILE A 194 -8.16 13.60 11.33
N THR A 195 -8.98 13.94 12.30
CA THR A 195 -8.71 15.07 13.23
C THR A 195 -8.33 14.63 14.63
N ALA A 196 -8.48 13.37 14.97
CA ALA A 196 -7.95 12.93 16.27
C ALA A 196 -7.66 11.42 16.25
N VAL A 197 -6.75 10.98 17.11
CA VAL A 197 -6.26 9.62 17.13
C VAL A 197 -6.10 9.18 18.57
N ARG A 198 -6.85 8.13 18.94
CA ARG A 198 -6.58 7.38 20.13
C ARG A 198 -6.13 5.98 19.72
N ALA A 199 -4.90 5.58 20.09
CA ALA A 199 -4.40 4.24 19.74
C ALA A 199 -3.52 3.63 20.85
N MET A 200 -3.40 2.30 20.84
CA MET A 200 -2.58 1.50 21.76
C MET A 200 -1.85 0.59 20.81
N THR A 201 -0.56 0.36 20.98
CA THR A 201 0.17 -0.64 20.18
C THR A 201 0.83 -1.66 21.13
N GLY A 202 1.09 -2.86 20.63
CA GLY A 202 1.83 -3.89 21.37
C GLY A 202 2.97 -4.44 20.53
N ARG A 203 3.95 -4.95 21.24
CA ARG A 203 5.13 -5.62 20.67
C ARG A 203 5.22 -6.90 21.43
N LEU A 204 4.28 -7.78 21.17
CA LEU A 204 4.14 -8.94 22.00
C LEU A 204 5.22 -10.01 21.89
N ASP A 205 6.18 -9.85 20.98
CA ASP A 205 7.28 -10.80 20.84
C ASP A 205 8.61 -10.04 20.96
N PRO A 206 9.30 -10.27 22.07
CA PRO A 206 10.56 -9.58 22.29
C PRO A 206 11.69 -10.07 21.41
N LYS A 207 11.56 -11.25 20.79
CA LYS A 207 12.58 -11.68 19.79
C LYS A 207 12.43 -10.90 18.48
N ARG A 208 11.27 -10.31 18.28
CA ARG A 208 11.00 -9.56 17.07
C ARG A 208 10.36 -8.23 17.47
N PRO A 209 11.14 -7.32 18.06
CA PRO A 209 10.58 -6.28 18.91
C PRO A 209 10.17 -5.05 18.17
N THR A 210 9.23 -5.20 17.25
CA THR A 210 8.63 -4.09 16.63
C THR A 210 7.14 -4.26 16.86
N GLU A 211 6.34 -3.28 16.47
CA GLU A 211 4.94 -3.32 16.72
C GLU A 211 4.32 -4.42 15.86
N GLY A 212 3.64 -5.35 16.50
CA GLY A 212 2.80 -6.29 15.80
C GLY A 212 1.30 -6.15 15.92
N ASN A 213 0.79 -5.41 16.91
CA ASN A 213 -0.67 -5.12 16.94
C ASN A 213 -1.05 -3.72 17.34
N CYS A 214 -2.23 -3.33 16.94
CA CYS A 214 -2.66 -2.00 17.25
C CYS A 214 -4.13 -1.95 17.32
N ALA A 215 -4.65 -1.21 18.31
CA ALA A 215 -6.05 -0.89 18.36
C ALA A 215 -6.18 0.63 18.36
N ALA A 216 -7.02 1.15 17.45
CA ALA A 216 -7.20 2.60 17.30
C ALA A 216 -8.60 3.04 16.97
N MET A 217 -8.93 4.23 17.48
CA MET A 217 -10.12 4.92 17.12
C MET A 217 -9.70 6.25 16.51
N LEU A 218 -10.13 6.42 15.27
CA LEU A 218 -9.82 7.60 14.51
C LEU A 218 -11.03 8.51 14.47
N THR A 219 -10.88 9.73 14.93
CA THR A 219 -11.98 10.66 14.82
C THR A 219 -11.90 11.43 13.46
N LEU A 220 -12.98 11.44 12.71
CA LEU A 220 -13.01 12.15 11.47
C LEU A 220 -13.68 13.49 11.72
N GLU A 221 -13.81 14.25 10.69
CA GLU A 221 -13.84 15.67 10.85
C GLU A 221 -15.28 16.11 11.01
N ASP A 222 -16.23 15.37 10.45
CA ASP A 222 -17.65 15.74 10.66
C ASP A 222 -18.20 15.06 11.91
N GLY A 223 -17.36 14.39 12.69
CA GLY A 223 -17.80 13.70 13.92
C GLY A 223 -17.89 12.20 13.72
N ALA A 224 -17.96 11.73 12.47
CA ALA A 224 -17.85 10.30 12.21
C ALA A 224 -16.54 9.76 12.80
N CYS A 225 -16.52 8.51 13.24
CA CYS A 225 -15.26 7.83 13.62
C CYS A 225 -15.03 6.49 12.92
N ALA A 226 -13.76 6.09 12.84
CA ALA A 226 -13.34 4.83 12.30
C ALA A 226 -12.54 4.05 13.37
N VAL A 227 -12.90 2.81 13.62
CA VAL A 227 -12.09 1.96 14.45
C VAL A 227 -11.19 1.18 13.54
N MET A 228 -9.92 1.05 13.91
CA MET A 228 -8.90 0.35 13.11
C MET A 228 -8.20 -0.58 14.10
N VAL A 229 -8.20 -1.87 13.79
CA VAL A 229 -7.55 -2.89 14.58
C VAL A 229 -6.70 -3.76 13.68
N TYR A 230 -5.49 -4.08 14.12
CA TYR A 230 -4.52 -4.87 13.31
C TYR A 230 -3.72 -5.73 14.24
N SER A 231 -3.55 -6.99 13.87
CA SER A 231 -2.64 -7.91 14.60
C SER A 231 -1.95 -8.87 13.61
N GLY A 232 -0.65 -9.08 13.81
CA GLY A 232 0.20 -9.74 12.80
C GLY A 232 0.94 -10.95 13.32
N TYR A 233 0.49 -11.50 14.45
CA TYR A 233 1.26 -12.53 15.16
C TYR A 233 1.00 -13.94 14.63
N ASP A 234 0.25 -14.05 13.53
CA ASP A 234 -0.06 -15.33 12.91
C ASP A 234 -0.92 -16.22 13.79
N HIS A 235 -1.86 -15.58 14.51
CA HIS A 235 -2.79 -16.31 15.36
C HIS A 235 -4.10 -16.29 14.62
N PHE A 236 -5.10 -15.50 15.03
CA PHE A 236 -6.36 -15.50 14.27
C PHE A 236 -6.01 -15.09 12.85
N ASP A 237 -6.81 -15.56 11.89
CA ASP A 237 -6.64 -15.18 10.51
C ASP A 237 -7.95 -14.75 9.97
N SER A 238 -8.05 -13.45 9.67
CA SER A 238 -9.33 -12.82 9.42
C SER A 238 -9.84 -13.04 8.01
N ASP A 239 -9.07 -13.69 7.16
CA ASP A 239 -9.62 -14.06 5.87
C ASP A 239 -10.81 -15.05 6.07
N GLU A 240 -10.86 -15.73 7.22
CA GLU A 240 -12.06 -16.47 7.59
C GLU A 240 -13.32 -15.61 7.57
N MET A 241 -13.21 -14.30 7.84
CA MET A 241 -14.39 -13.47 7.88
C MET A 241 -14.52 -12.73 6.58
N HIS A 242 -13.63 -13.04 5.64
CA HIS A 242 -13.73 -12.52 4.28
C HIS A 242 -13.61 -13.67 3.25
N PHE A 243 -14.59 -14.57 3.29
CA PHE A 243 -14.81 -15.65 2.27
C PHE A 243 -13.59 -16.50 1.96
N TRP A 244 -12.63 -16.54 2.90
CA TRP A 244 -11.35 -17.25 2.71
C TRP A 244 -10.69 -16.85 1.39
N LEU A 245 -10.74 -15.55 1.04
CA LEU A 245 -9.82 -14.91 0.07
C LEU A 245 -8.56 -14.34 0.71
N ALA A 246 -7.40 -14.52 0.09
CA ALA A 246 -6.23 -13.74 0.52
C ALA A 246 -6.33 -12.31 0.08
N GLU A 247 -5.52 -11.51 0.75
CA GLU A 247 -5.32 -10.12 0.50
C GLU A 247 -5.25 -9.81 -0.99
N GLY A 248 -4.47 -10.59 -1.74
CA GLY A 248 -4.29 -10.38 -3.18
C GLY A 248 -5.37 -10.96 -4.12
N GLY A 249 -6.43 -11.52 -3.56
CA GLY A 249 -7.55 -11.98 -4.37
C GLY A 249 -7.62 -13.46 -4.66
N ARG A 250 -6.50 -14.19 -4.55
CA ARG A 250 -6.52 -15.63 -4.86
C ARG A 250 -7.03 -16.36 -3.63
N ALA A 251 -7.78 -17.44 -3.81
CA ALA A 251 -8.36 -18.15 -2.67
C ALA A 251 -7.27 -18.59 -1.67
N LYS A 252 -7.58 -18.60 -0.38
CA LYS A 252 -6.58 -18.91 0.67
C LYS A 252 -6.91 -20.21 1.34
N GLN A 253 -5.86 -20.86 1.86
CA GLN A 253 -6.03 -22.10 2.57
C GLN A 253 -5.64 -21.83 4.02
N PRO A 254 -6.44 -22.34 4.95
CA PRO A 254 -6.02 -22.15 6.31
C PRO A 254 -4.59 -22.68 6.55
N ASN A 255 -3.75 -21.89 7.21
CA ASN A 255 -2.39 -22.28 7.60
C ASN A 255 -1.90 -21.54 8.88
N HIS A 256 -2.64 -21.67 9.95
CA HIS A 256 -2.40 -20.86 11.12
C HIS A 256 -0.99 -20.96 11.72
N GLY A 257 -0.50 -22.15 11.96
CA GLY A 257 0.94 -22.26 12.26
C GLY A 257 1.80 -21.47 11.24
N GLY A 258 1.44 -21.61 9.98
CA GLY A 258 2.18 -21.14 8.82
C GLY A 258 3.55 -20.52 8.93
N ALA A 259 3.58 -19.20 9.04
CA ALA A 259 4.79 -18.45 8.85
C ALA A 259 5.73 -18.63 10.01
N ARG A 260 5.18 -18.85 11.19
CA ARG A 260 5.97 -19.14 12.38
C ARG A 260 6.62 -20.55 12.31
N LYS A 261 5.91 -21.55 11.79
CA LYS A 261 6.49 -22.88 11.54
C LYS A 261 7.68 -22.76 10.61
N VAL A 262 7.46 -22.19 9.44
CA VAL A 262 8.53 -22.00 8.48
C VAL A 262 9.78 -21.40 9.14
N LEU A 263 9.62 -20.44 10.04
CA LEU A 263 10.80 -19.80 10.62
C LEU A 263 11.48 -20.64 11.69
N ARG A 264 10.71 -21.40 12.47
CA ARG A 264 11.26 -22.16 13.59
C ARG A 264 12.18 -23.31 13.08
N GLN A 265 11.72 -23.97 12.02
CA GLN A 265 12.44 -25.07 11.37
C GLN A 265 13.57 -24.57 10.49
N LEU A 266 13.46 -23.33 10.04
CA LEU A 266 14.49 -22.73 9.22
C LEU A 266 15.84 -22.97 9.83
N GLU A 267 16.72 -23.54 9.03
CA GLU A 267 18.15 -23.66 9.29
C GLU A 267 18.94 -22.67 8.35
N GLY A 268 19.75 -21.82 8.97
CA GLY A 268 20.49 -20.77 8.26
C GLY A 268 20.05 -19.39 8.73
N ASP A 269 20.05 -18.42 7.81
CA ASP A 269 19.82 -17.02 8.12
C ASP A 269 18.51 -16.62 7.42
N GLU A 270 17.59 -16.06 8.21
CA GLU A 270 16.28 -15.59 7.74
C GLU A 270 16.30 -14.51 6.63
N ALA A 271 17.26 -13.59 6.69
CA ALA A 271 17.42 -12.58 5.67
C ALA A 271 17.54 -13.24 4.27
N GLU A 272 18.28 -14.36 4.19
CA GLU A 272 18.42 -15.16 2.95
C GLU A 272 17.10 -15.75 2.49
N LEU A 273 16.32 -16.29 3.41
CA LEU A 273 15.04 -16.84 3.01
C LEU A 273 14.24 -15.70 2.39
N ARG A 274 14.36 -14.50 2.99
CA ARG A 274 13.63 -13.33 2.56
C ARG A 274 13.96 -13.01 1.07
N ARG A 275 15.22 -12.74 0.80
CA ARG A 275 15.57 -12.35 -0.55
C ARG A 275 15.51 -13.47 -1.58
N SER A 276 15.59 -14.73 -1.16
CA SER A 276 15.49 -15.87 -2.11
C SER A 276 14.04 -16.28 -2.40
N ARG A 277 13.10 -15.94 -1.52
CA ARG A 277 11.70 -16.29 -1.75
C ARG A 277 10.95 -15.16 -2.43
N TYR A 278 11.20 -13.94 -1.97
CA TYR A 278 10.47 -12.77 -2.46
C TYR A 278 11.26 -11.96 -3.53
N GLY A 279 12.48 -12.39 -3.84
CA GLY A 279 13.26 -11.75 -4.90
C GLY A 279 12.73 -12.05 -6.30
N PHE A 280 13.36 -11.39 -7.28
CA PHE A 280 12.97 -11.56 -8.69
C PHE A 280 13.43 -12.91 -9.24
N GLY A 281 12.48 -13.69 -9.78
CA GLY A 281 12.79 -15.03 -10.29
C GLY A 281 12.85 -16.09 -9.20
N GLY A 282 12.46 -15.73 -7.98
CA GLY A 282 12.27 -16.69 -6.91
C GLY A 282 10.90 -17.33 -7.02
N PRO A 283 10.52 -18.16 -6.01
CA PRO A 283 9.27 -18.91 -5.97
C PRO A 283 8.05 -18.10 -6.35
N ILE A 284 7.86 -16.97 -5.68
CA ILE A 284 6.59 -16.22 -5.78
C ILE A 284 6.45 -15.46 -7.11
N SER A 285 7.55 -15.23 -7.82
CA SER A 285 7.42 -15.06 -9.27
C SER A 285 6.79 -16.36 -9.85
N LYS A 286 5.47 -16.49 -9.66
CA LYS A 286 4.63 -17.55 -10.25
C LYS A 286 3.17 -17.16 -9.93
N SER A 287 2.59 -16.42 -10.87
CA SER A 287 1.37 -15.63 -10.64
C SER A 287 0.63 -15.41 -11.95
N ASP A 294 -7.36 -15.62 -13.02
CA ASP A 294 -8.46 -16.36 -12.42
C ASP A 294 -8.72 -15.94 -10.94
N ARG A 295 -8.27 -14.72 -10.59
CA ARG A 295 -8.41 -14.23 -9.23
C ARG A 295 -9.61 -13.29 -8.99
N LYS A 296 -9.97 -13.15 -7.72
CA LYS A 296 -11.09 -12.31 -7.32
C LYS A 296 -10.57 -10.93 -6.79
N GLN A 297 -11.44 -10.12 -6.16
CA GLN A 297 -11.05 -8.79 -5.71
C GLN A 297 -10.11 -8.80 -4.50
N PRO A 298 -9.07 -7.98 -4.52
CA PRO A 298 -8.18 -7.85 -3.38
C PRO A 298 -8.85 -7.08 -2.27
N HIS A 299 -8.31 -7.19 -1.07
CA HIS A 299 -8.98 -6.64 0.15
C HIS A 299 -7.96 -6.50 1.28
N PHE A 300 -8.28 -5.78 2.34
CA PHE A 300 -7.35 -5.74 3.47
C PHE A 300 -8.10 -5.94 4.77
N GLY A 301 -8.11 -7.15 5.27
CA GLY A 301 -8.98 -7.51 6.39
C GLY A 301 -10.40 -7.22 5.96
N VAL A 302 -11.25 -6.95 6.94
CA VAL A 302 -12.60 -6.57 6.64
C VAL A 302 -12.86 -5.14 6.99
N MET A 303 -13.80 -4.54 6.29
CA MET A 303 -14.05 -3.14 6.39
C MET A 303 -15.55 -2.96 6.33
N LEU A 304 -16.17 -2.61 7.47
CA LEU A 304 -17.61 -2.44 7.62
C LEU A 304 -18.04 -0.97 7.80
N VAL A 305 -18.73 -0.43 6.81
CA VAL A 305 -19.00 1.01 6.81
C VAL A 305 -20.42 1.18 7.19
N THR A 306 -20.74 1.79 8.31
CA THR A 306 -22.11 1.83 8.62
C THR A 306 -22.69 3.22 8.34
N CYS A 307 -23.57 3.26 7.34
CA CYS A 307 -24.25 4.48 6.97
C CYS A 307 -25.69 4.51 7.45
N GLU A 308 -26.34 5.66 7.31
CA GLU A 308 -27.73 5.85 7.67
C GLU A 308 -28.64 4.76 7.05
N HIS A 309 -28.47 4.46 5.78
CA HIS A 309 -29.43 3.56 5.13
C HIS A 309 -28.84 2.18 4.77
N ALA A 310 -27.65 1.88 5.29
CA ALA A 310 -27.02 0.61 4.95
C ALA A 310 -25.72 0.40 5.71
N ASP A 311 -25.32 -0.86 5.87
CA ASP A 311 -23.94 -1.20 6.15
C ASP A 311 -23.34 -1.67 4.85
N LEU A 312 -22.06 -1.33 4.62
CA LEU A 312 -21.34 -1.68 3.44
C LEU A 312 -20.19 -2.59 3.82
N ARG A 313 -19.87 -3.57 2.96
CA ARG A 313 -18.78 -4.50 3.21
C ARG A 313 -18.16 -5.00 1.90
N ALA A 314 -16.84 -5.14 1.86
CA ALA A 314 -16.17 -5.54 0.64
C ALA A 314 -16.46 -7.00 0.43
N SER A 315 -16.64 -7.41 -0.82
CA SER A 315 -16.85 -8.80 -1.16
C SER A 315 -15.79 -9.24 -2.16
N PRO A 316 -15.79 -10.53 -2.49
CA PRO A 316 -14.91 -11.00 -3.55
C PRO A 316 -15.19 -10.43 -4.94
N GLU A 317 -16.39 -9.91 -5.16
CA GLU A 317 -16.79 -9.38 -6.46
C GLU A 317 -17.06 -7.86 -6.44
N GLY A 318 -17.11 -7.23 -5.26
CA GLY A 318 -17.53 -5.84 -5.23
C GLY A 318 -17.90 -5.46 -3.83
N VAL A 319 -19.06 -4.84 -3.68
CA VAL A 319 -19.52 -4.48 -2.35
C VAL A 319 -20.88 -5.05 -1.99
N LEU A 320 -20.95 -5.64 -0.80
CA LEU A 320 -22.18 -6.16 -0.27
C LEU A 320 -22.87 -4.99 0.43
N VAL A 321 -24.07 -4.60 -0.04
CA VAL A 321 -24.85 -3.51 0.56
C VAL A 321 -25.99 -4.10 1.38
N TYR A 322 -25.86 -4.05 2.71
CA TYR A 322 -26.93 -4.55 3.60
C TYR A 322 -27.92 -3.44 3.85
N GLY A 323 -29.02 -3.45 3.10
CA GLY A 323 -29.91 -2.30 3.10
C GLY A 323 -31.09 -2.49 4.01
N ASP A 324 -31.94 -1.48 4.03
CA ASP A 324 -33.25 -1.53 4.68
C ASP A 324 -34.07 -2.73 4.16
N GLU A 325 -33.84 -3.04 2.89
CA GLU A 325 -34.71 -3.97 2.15
C GLU A 325 -34.13 -5.37 2.20
N GLY A 326 -32.91 -5.50 2.73
CA GLY A 326 -32.14 -6.73 2.61
C GLY A 326 -30.87 -6.47 1.81
N VAL A 327 -30.12 -7.53 1.54
CA VAL A 327 -28.83 -7.48 0.91
C VAL A 327 -28.93 -7.28 -0.60
N ARG A 328 -27.93 -6.62 -1.17
CA ARG A 328 -27.68 -6.69 -2.61
C ARG A 328 -26.18 -6.42 -2.85
N GLU A 329 -25.69 -6.79 -4.03
CA GLU A 329 -24.26 -6.74 -4.37
C GLU A 329 -24.04 -5.72 -5.50
N VAL A 330 -22.94 -4.97 -5.40
CA VAL A 330 -22.51 -4.04 -6.44
C VAL A 330 -21.15 -4.49 -6.97
N PRO A 331 -21.05 -4.80 -8.26
CA PRO A 331 -19.72 -5.12 -8.78
C PRO A 331 -18.67 -4.00 -8.64
N ALA A 332 -17.44 -4.42 -8.47
CA ALA A 332 -16.31 -3.54 -8.34
C ALA A 332 -16.07 -2.70 -9.61
N ILE A 333 -15.97 -1.40 -9.42
CA ILE A 333 -15.62 -0.53 -10.52
C ILE A 333 -14.43 -1.08 -11.34
N THR A 334 -14.70 -1.31 -12.64
CA THR A 334 -13.70 -1.79 -13.57
C THR A 334 -12.56 -0.80 -13.59
N GLY A 335 -11.35 -1.25 -13.34
CA GLY A 335 -10.17 -0.45 -13.71
C GLY A 335 -9.66 -0.86 -15.09
N ARG A 336 -8.76 -0.09 -15.62
CA ARG A 336 -8.30 -0.36 -16.99
C ARG A 336 -7.27 -1.52 -17.11
N GLY A 337 -6.64 -1.89 -16.00
CA GLY A 337 -5.56 -2.89 -15.98
C GLY A 337 -5.74 -3.84 -14.82
N PRO A 338 -4.66 -4.41 -14.30
CA PRO A 338 -4.94 -5.31 -13.19
C PRO A 338 -5.35 -4.62 -11.91
N PHE A 339 -5.75 -5.42 -10.94
CA PHE A 339 -6.53 -4.92 -9.81
C PHE A 339 -5.90 -3.84 -8.95
N SER A 340 -4.84 -4.02 -8.21
CA SER A 340 -4.48 -2.80 -7.40
C SER A 340 -3.47 -1.99 -8.10
N GLN A 341 -2.44 -2.73 -8.47
CA GLN A 341 -1.34 -2.26 -9.24
C GLN A 341 -1.82 -1.47 -10.46
N GLY A 342 -2.79 -1.99 -11.20
CA GLY A 342 -3.26 -1.27 -12.36
C GLY A 342 -3.95 0.02 -11.98
N ASP A 343 -4.74 -0.02 -10.95
CA ASP A 343 -5.42 1.20 -10.57
C ASP A 343 -4.47 2.30 -10.10
N THR A 344 -3.36 1.93 -9.46
CA THR A 344 -2.34 2.89 -9.16
C THR A 344 -1.90 3.60 -10.49
N ILE A 345 -1.65 2.84 -11.54
CA ILE A 345 -1.24 3.43 -12.81
C ILE A 345 -2.32 4.35 -13.34
N ASP A 346 -3.58 3.93 -13.29
CA ASP A 346 -4.68 4.76 -13.78
C ASP A 346 -4.71 6.12 -13.08
N GLU A 347 -4.47 6.14 -11.77
CA GLU A 347 -4.53 7.40 -11.08
C GLU A 347 -3.46 8.34 -11.64
N LEU A 348 -2.25 7.88 -11.90
CA LEU A 348 -1.27 8.78 -12.55
C LEU A 348 -1.65 9.22 -13.97
N ARG A 349 -2.04 8.24 -14.80
CA ARG A 349 -2.42 8.53 -16.20
C ARG A 349 -3.42 9.64 -16.21
N ASP A 350 -4.44 9.45 -15.40
CA ASP A 350 -5.50 10.41 -15.27
C ASP A 350 -5.00 11.79 -14.90
N ALA A 351 -4.01 11.84 -14.02
CA ALA A 351 -3.43 13.09 -13.62
C ALA A 351 -2.65 13.73 -14.75
N ILE A 352 -1.81 12.93 -15.40
CA ILE A 352 -0.97 13.46 -16.49
C ILE A 352 -1.88 13.92 -17.60
N ALA A 353 -2.93 13.13 -17.90
CA ALA A 353 -3.87 13.45 -18.97
C ALA A 353 -4.80 14.62 -18.66
N GLY A 354 -4.85 15.10 -17.44
CA GLY A 354 -5.74 16.24 -17.14
C GLY A 354 -7.18 15.78 -16.97
N VAL A 355 -7.40 14.48 -16.79
CA VAL A 355 -8.70 13.94 -16.53
C VAL A 355 -9.05 14.15 -15.07
N ALA A 356 -8.15 13.80 -14.16
CA ALA A 356 -8.38 13.98 -12.73
C ALA A 356 -7.00 14.09 -12.02
N PRO A 357 -6.80 15.15 -11.25
CA PRO A 357 -5.57 15.31 -10.51
C PRO A 357 -5.45 14.20 -9.51
N ALA A 358 -4.25 13.87 -9.07
CA ALA A 358 -4.07 12.75 -8.19
C ALA A 358 -4.70 13.01 -6.79
N LEU A 359 -5.37 12.04 -6.20
CA LEU A 359 -5.85 12.12 -4.81
C LEU A 359 -4.69 11.87 -3.82
N ARG A 360 -3.94 10.78 -4.06
CA ARG A 360 -2.90 10.39 -3.17
C ARG A 360 -1.53 11.04 -3.53
N ASP A 361 -1.50 12.35 -3.36
CA ASP A 361 -0.32 13.07 -3.75
C ASP A 361 0.67 13.10 -2.57
N ALA A 362 1.68 13.94 -2.67
CA ALA A 362 2.72 13.95 -1.61
C ALA A 362 2.11 14.47 -0.30
N ARG A 363 1.15 15.41 -0.36
CA ARG A 363 0.54 15.94 0.85
C ARG A 363 -0.33 14.90 1.52
N TRP A 364 -0.91 14.00 0.76
CA TRP A 364 -1.75 12.99 1.31
C TRP A 364 -0.85 12.03 2.02
N GLY A 365 0.25 11.68 1.39
CA GLY A 365 1.30 10.86 2.01
C GLY A 365 1.81 11.40 3.34
N LYS A 366 2.18 12.70 3.36
CA LYS A 366 2.68 13.29 4.62
C LYS A 366 1.62 13.15 5.68
N ASP A 367 0.39 13.43 5.28
CA ASP A 367 -0.73 13.30 6.15
C ASP A 367 -0.90 11.91 6.74
N THR A 368 -0.72 10.88 5.91
CA THR A 368 -0.75 9.53 6.44
C THR A 368 0.45 9.29 7.38
N LEU A 369 1.59 9.82 7.00
CA LEU A 369 2.74 9.68 7.93
C LEU A 369 2.33 10.33 9.26
N GLU A 370 1.65 11.49 9.26
CA GLU A 370 1.37 12.14 10.57
C GLU A 370 0.41 11.33 11.36
N VAL A 371 -0.52 10.67 10.67
CA VAL A 371 -1.46 9.84 11.41
C VAL A 371 -0.72 8.64 12.04
N CYS A 372 0.16 8.00 11.30
CA CYS A 372 1.03 7.00 11.95
C CYS A 372 1.76 7.56 13.17
N LEU A 373 2.35 8.76 13.07
CA LEU A 373 3.09 9.31 14.24
C LEU A 373 2.15 9.52 15.40
N ALA A 374 0.91 9.85 15.13
CA ALA A 374 -0.03 10.14 16.19
C ALA A 374 -0.43 8.83 16.87
N VAL A 375 -0.45 7.73 16.13
CA VAL A 375 -0.64 6.41 16.73
C VAL A 375 0.52 6.10 17.70
N LEU A 376 1.75 6.40 17.28
CA LEU A 376 2.87 6.17 18.18
C LEU A 376 2.75 7.05 19.43
N GLU A 377 2.44 8.35 19.28
CA GLU A 377 2.30 9.20 20.44
C GLU A 377 1.15 8.77 21.36
N SER A 378 -0.03 8.49 20.79
CA SER A 378 -1.21 8.19 21.61
C SER A 378 -0.94 6.95 22.44
N SER A 379 -0.20 6.02 21.86
CA SER A 379 0.06 4.77 22.50
C SER A 379 1.09 4.96 23.62
N ALA A 380 1.99 5.91 23.49
CA ALA A 380 3.00 6.15 24.54
C ALA A 380 2.33 6.85 25.71
N THR A 381 1.39 7.76 25.42
CA THR A 381 0.88 8.65 26.45
C THR A 381 -0.47 8.21 27.03
N GLY A 382 -1.20 7.32 26.35
CA GLY A 382 -2.57 6.99 26.77
C GLY A 382 -3.65 8.02 26.40
N ARG A 383 -3.31 9.07 25.65
CA ARG A 383 -4.24 10.18 25.47
C ARG A 383 -4.68 10.21 24.00
N GLN A 384 -5.92 10.64 23.74
CA GLN A 384 -6.32 11.02 22.40
C GLN A 384 -5.48 12.19 21.96
N VAL A 385 -4.99 12.12 20.75
CA VAL A 385 -4.10 13.12 20.21
C VAL A 385 -4.89 13.96 19.17
N GLU A 386 -5.02 15.27 19.37
CA GLU A 386 -5.72 16.12 18.40
C GLU A 386 -4.81 16.58 17.29
N ARG A 387 -5.25 16.59 16.05
CA ARG A 387 -4.39 17.21 15.03
C ARG A 387 -5.02 18.09 13.96
#